data_5LOP
#
_entry.id   5LOP
#
_cell.length_a   219.810
_cell.length_b   219.810
_cell.length_c   74.190
_cell.angle_alpha   90.00
_cell.angle_beta   90.00
_cell.angle_gamma   120.00
#
_symmetry.space_group_name_H-M   'P 64 2 2'
#
loop_
_entity.id
_entity.type
_entity.pdbx_description
1 polymer KLLA0F23980p
2 polymer KLLA0E01827p
3 polymer KLLA0A11308p
4 non-polymer 'MAGNESIUM ION'
5 non-polymer "7N-METHYL-8-HYDROGUANOSINE-5'-DIPHOSPHATE"
6 water water
#
loop_
_entity_poly.entity_id
_entity_poly.type
_entity_poly.pdbx_seq_one_letter_code
_entity_poly.pdbx_strand_id
1 'polypeptide(L)'
;MSLPLLRPFETVSLENAVEDLVVRFILNVPPEDLSTVERVLFHFEEASWFYTDFVKLMNPYLPNLSIKSFSKIVIDICPL
IWNWDITPENALVKFSNYKKTIPVRGAAIFNDSLSKILLLRGINSKHWSFPRGKIGKDEDDVACCIREVKEETGFDLTGF
IDADQYVERNMNGKNFKIFLVKGVPEDFEFKPEHKNEIQAIEWKDFKKLSKAITKNEGSAKVFLVNSMIRPLSLYVKNEK
RAKDENKLKLYAEEHLKSILGLNKKENKIVLDAGRHHHHHH
;
A
2 'polypeptide(L)'
;MSTETLEIYRKALNFNVIARYDPKIKQLLFHTPHATVYKWGDDNWNKLEYQGVLAIYLRDVGDKEAILPEVSSYDDTITG
QQSEANTPHVLTGHDIYNYGLIIMNRINPDNFSLAIAPNSVLNKRKLFAPNREEELEPMKVEVRDDLVMIKTLKKEVYGI
WVHTPEDRQNIYELIKYLLENEPTDSFT
;
B
3 'polypeptide(L)' MLNFKGYQIEIELKDGKRITGTLKQVSPKSLTLTDAVFQDGGVSPVFKIKADKLYDLKVLKLPPNA C
#
# COMPACT_ATOMS: atom_id res chain seq x y z
N SER A 2 -8.97 -3.51 -20.27
CA SER A 2 -9.70 -3.36 -21.53
C SER A 2 -10.16 -4.73 -22.10
N LEU A 3 -9.24 -5.61 -22.61
CA LEU A 3 -9.60 -6.94 -23.18
C LEU A 3 -10.50 -7.74 -22.20
N PRO A 4 -11.66 -8.30 -22.69
CA PRO A 4 -12.61 -8.96 -21.79
C PRO A 4 -12.38 -10.44 -21.50
N LEU A 5 -12.18 -10.73 -20.22
CA LEU A 5 -11.91 -12.08 -19.76
C LEU A 5 -13.09 -12.69 -19.00
N LEU A 6 -13.25 -14.00 -19.16
CA LEU A 6 -14.28 -14.84 -18.54
C LEU A 6 -13.89 -15.26 -17.11
N ARG A 7 -14.80 -15.08 -16.14
CA ARG A 7 -14.62 -15.46 -14.72
C ARG A 7 -14.71 -17.00 -14.60
N PRO A 8 -13.59 -17.76 -14.46
CA PRO A 8 -13.73 -19.23 -14.39
C PRO A 8 -13.83 -19.75 -12.98
N PHE A 9 -14.18 -18.87 -12.02
CA PHE A 9 -14.24 -19.26 -10.62
C PHE A 9 -15.63 -19.51 -10.02
N GLU A 10 -16.82 -19.21 -10.67
CA GLU A 10 -18.08 -19.54 -9.97
C GLU A 10 -18.29 -21.05 -9.93
N THR A 11 -18.22 -21.70 -11.09
CA THR A 11 -18.38 -23.15 -11.19
C THR A 11 -17.03 -23.70 -11.63
N VAL A 12 -16.22 -24.19 -10.66
CA VAL A 12 -14.88 -24.68 -11.00
C VAL A 12 -14.48 -25.96 -10.25
N SER A 13 -13.85 -26.90 -11.01
CA SER A 13 -13.31 -28.18 -10.53
C SER A 13 -11.99 -27.89 -9.91
N LEU A 14 -12.61 -28.53 -7.27
CA LEU A 14 -11.41 -28.23 -6.48
C LEU A 14 -10.11 -28.60 -7.24
N GLU A 15 -10.16 -29.49 -8.26
CA GLU A 15 -9.01 -29.89 -9.04
C GLU A 15 -8.37 -28.76 -9.91
N ASN A 16 -9.16 -28.12 -10.78
CA ASN A 16 -8.76 -26.99 -11.64
C ASN A 16 -8.60 -25.68 -10.85
N ALA A 17 -9.25 -25.58 -9.66
CA ALA A 17 -9.15 -24.43 -8.73
C ALA A 17 -7.72 -24.37 -8.18
N VAL A 18 -7.14 -25.55 -7.91
CA VAL A 18 -5.77 -25.68 -7.45
C VAL A 18 -4.87 -25.25 -8.61
N GLU A 19 -4.87 -25.99 -9.75
CA GLU A 19 -4.06 -25.65 -10.94
C GLU A 19 -4.02 -24.12 -11.21
N ASP A 20 -5.18 -23.45 -11.02
CA ASP A 20 -5.34 -22.01 -11.18
C ASP A 20 -4.50 -21.35 -10.16
N LEU A 21 -4.91 -21.42 -8.88
CA LEU A 21 -4.23 -20.86 -7.73
C LEU A 21 -2.71 -21.10 -7.69
N VAL A 22 -2.28 -22.29 -8.13
CA VAL A 22 -0.86 -22.65 -8.18
C VAL A 22 -0.13 -21.69 -9.10
N VAL A 23 -0.68 -21.41 -10.31
CA VAL A 23 -0.07 -20.46 -11.24
C VAL A 23 -0.11 -19.03 -10.71
N ARG A 24 -1.21 -18.67 -10.02
CA ARG A 24 -1.45 -17.36 -9.42
C ARG A 24 -0.43 -17.05 -8.37
N PHE A 25 -0.17 -18.03 -7.45
CA PHE A 25 0.71 -17.88 -6.29
C PHE A 25 2.08 -18.53 -6.31
N ILE A 26 2.14 -19.89 -6.24
CA ILE A 26 3.36 -20.71 -6.09
C ILE A 26 4.17 -20.80 -7.39
N LEU A 27 3.76 -21.66 -8.34
CA LEU A 27 4.37 -21.96 -9.63
C LEU A 27 5.14 -20.84 -10.26
N ASN A 28 4.61 -19.59 -10.22
CA ASN A 28 5.27 -18.49 -10.91
C ASN A 28 5.88 -17.41 -10.00
N VAL A 29 6.95 -17.78 -9.29
CA VAL A 29 7.61 -16.89 -8.34
C VAL A 29 9.17 -16.89 -8.54
N PRO A 30 9.91 -15.85 -8.03
CA PRO A 30 11.36 -15.83 -8.27
C PRO A 30 12.10 -16.84 -7.41
N PRO A 31 13.02 -17.66 -8.01
CA PRO A 31 13.75 -18.70 -7.23
C PRO A 31 14.42 -18.28 -5.91
N GLU A 32 14.38 -17.01 -5.54
CA GLU A 32 14.88 -16.44 -4.28
C GLU A 32 13.84 -16.68 -3.17
N ASP A 33 12.60 -16.96 -3.56
CA ASP A 33 11.51 -17.27 -2.64
C ASP A 33 11.21 -18.75 -2.84
N LEU A 34 12.28 -19.50 -3.08
CA LEU A 34 12.31 -20.94 -3.29
C LEU A 34 13.52 -21.49 -2.49
N SER A 35 14.26 -20.58 -1.83
CA SER A 35 15.45 -20.88 -1.04
C SER A 35 15.16 -21.87 0.12
N THR A 36 14.12 -21.58 0.93
CA THR A 36 13.70 -22.39 2.07
C THR A 36 12.39 -23.01 1.75
N VAL A 37 12.00 -23.98 2.55
CA VAL A 37 10.69 -24.58 2.48
C VAL A 37 9.77 -23.57 3.15
N GLU A 38 10.31 -22.86 4.15
CA GLU A 38 9.63 -21.83 4.91
C GLU A 38 9.23 -20.70 3.95
N ARG A 39 10.10 -20.40 2.94
CA ARG A 39 9.85 -19.40 1.90
C ARG A 39 8.58 -19.71 1.11
N VAL A 40 8.54 -20.89 0.41
CA VAL A 40 7.42 -21.35 -0.46
C VAL A 40 6.13 -21.47 0.29
N LEU A 41 6.17 -21.94 1.55
CA LEU A 41 4.98 -22.10 2.36
C LEU A 41 4.30 -20.78 2.70
N PHE A 42 4.91 -19.65 2.34
CA PHE A 42 4.25 -18.37 2.53
C PHE A 42 3.26 -18.12 1.43
N HIS A 43 3.51 -18.70 0.22
CA HIS A 43 2.61 -18.62 -0.93
C HIS A 43 1.47 -19.55 -0.70
N PHE A 44 1.76 -20.78 -0.27
CA PHE A 44 0.76 -21.76 0.10
C PHE A 44 -0.24 -21.16 1.10
N GLU A 45 0.25 -20.30 2.01
CA GLU A 45 -0.52 -19.60 3.05
C GLU A 45 -1.39 -18.51 2.39
N GLU A 46 -0.87 -17.83 1.36
CA GLU A 46 -1.59 -16.77 0.64
C GLU A 46 -2.66 -17.40 -0.19
N ALA A 47 -2.30 -18.47 -0.98
CA ALA A 47 -3.16 -19.27 -1.87
C ALA A 47 -4.32 -19.84 -1.09
N SER A 48 -4.06 -20.48 0.08
CA SER A 48 -5.12 -20.99 0.95
C SER A 48 -6.03 -19.88 1.43
N TRP A 49 -5.48 -18.69 1.76
CA TRP A 49 -6.29 -17.54 2.18
C TRP A 49 -7.13 -16.98 1.06
N PHE A 50 -6.69 -17.17 -0.19
CA PHE A 50 -7.40 -16.72 -1.38
C PHE A 50 -8.56 -17.71 -1.70
N TYR A 51 -8.26 -19.02 -1.59
CA TYR A 51 -9.17 -20.10 -1.81
C TYR A 51 -10.32 -19.85 -0.91
N THR A 52 -10.09 -19.81 0.42
CA THR A 52 -11.16 -19.63 1.39
C THR A 52 -11.71 -18.20 1.40
N ASP A 53 -11.08 -17.26 0.71
CA ASP A 53 -11.64 -15.90 0.62
C ASP A 53 -12.57 -15.71 -0.61
N PHE A 54 -12.25 -16.35 -1.77
CA PHE A 54 -13.03 -16.20 -3.01
C PHE A 54 -13.52 -17.47 -3.64
N VAL A 55 -12.61 -18.45 -3.86
CA VAL A 55 -12.92 -19.74 -4.51
C VAL A 55 -14.04 -20.49 -3.83
N LYS A 56 -13.92 -20.77 -2.51
CA LYS A 56 -14.96 -21.46 -1.73
C LYS A 56 -16.23 -20.60 -1.61
N LEU A 57 -16.10 -19.26 -1.72
CA LEU A 57 -17.24 -18.34 -1.65
C LEU A 57 -18.24 -18.66 -2.77
N MET A 58 -17.75 -18.60 -4.04
CA MET A 58 -18.48 -18.84 -5.28
C MET A 58 -18.89 -20.30 -5.52
N ASN A 59 -18.18 -21.22 -4.88
CA ASN A 59 -18.40 -22.65 -5.01
C ASN A 59 -18.85 -23.26 -3.70
N PRO A 60 -20.14 -23.21 -3.36
CA PRO A 60 -20.59 -23.81 -2.10
C PRO A 60 -20.13 -25.27 -1.91
N TYR A 61 -20.24 -26.05 -2.97
CA TYR A 61 -19.92 -27.47 -3.10
C TYR A 61 -18.48 -27.83 -2.75
N LEU A 62 -17.53 -26.93 -3.05
CA LEU A 62 -16.09 -27.09 -2.78
C LEU A 62 -15.77 -27.32 -1.32
N PRO A 63 -14.69 -28.04 -0.96
CA PRO A 63 -14.43 -28.25 0.47
C PRO A 63 -13.98 -26.98 1.17
N ASN A 64 -13.82 -27.06 2.50
CA ASN A 64 -13.31 -25.96 3.30
C ASN A 64 -11.87 -26.36 3.56
N LEU A 65 -10.94 -25.57 3.07
CA LEU A 65 -9.58 -26.05 3.23
C LEU A 65 -8.70 -25.16 4.08
N SER A 66 -8.26 -25.79 5.19
CA SER A 66 -7.26 -25.33 6.16
C SER A 66 -5.94 -25.49 5.43
N ILE A 67 -4.93 -24.65 5.75
CA ILE A 67 -3.61 -24.69 5.10
C ILE A 67 -3.08 -26.14 5.05
N LYS A 68 -3.29 -26.91 6.14
CA LYS A 68 -2.93 -28.33 6.28
C LYS A 68 -3.42 -29.10 5.05
N SER A 69 -4.77 -29.28 4.92
CA SER A 69 -5.47 -29.99 3.83
C SER A 69 -5.16 -29.42 2.45
N PHE A 70 -5.28 -28.08 2.28
CA PHE A 70 -5.03 -27.33 1.06
C PHE A 70 -3.65 -27.62 0.49
N SER A 71 -2.60 -27.27 1.25
CA SER A 71 -1.21 -27.46 0.81
C SER A 71 -0.92 -28.90 0.51
N LYS A 72 -1.57 -29.82 1.26
CA LYS A 72 -1.46 -31.27 1.09
C LYS A 72 -2.12 -31.69 -0.24
N ILE A 73 -3.20 -30.98 -0.64
CA ILE A 73 -3.92 -31.24 -1.89
C ILE A 73 -3.11 -30.68 -3.04
N VAL A 74 -2.62 -29.44 -2.85
CA VAL A 74 -1.83 -28.70 -3.82
C VAL A 74 -0.67 -29.55 -4.38
N ILE A 75 -0.02 -30.33 -3.50
CA ILE A 75 1.04 -31.24 -3.94
C ILE A 75 0.47 -32.42 -4.73
N ASP A 76 -0.66 -33.04 -4.26
CA ASP A 76 -1.29 -34.18 -4.96
C ASP A 76 -1.49 -33.87 -6.45
N ILE A 77 -1.99 -32.65 -6.78
CA ILE A 77 -2.23 -32.22 -8.17
C ILE A 77 -0.92 -31.94 -8.92
N CYS A 78 -0.01 -31.13 -8.33
CA CYS A 78 1.24 -30.75 -8.97
C CYS A 78 2.41 -31.25 -8.18
N PRO A 79 2.87 -32.47 -8.45
CA PRO A 79 4.00 -32.98 -7.67
C PRO A 79 5.34 -32.36 -8.10
N LEU A 80 5.36 -31.69 -9.27
CA LEU A 80 6.59 -31.07 -9.77
C LEU A 80 6.89 -29.77 -9.07
N ILE A 81 5.98 -29.31 -8.18
CA ILE A 81 6.22 -28.09 -7.44
C ILE A 81 6.93 -28.41 -6.10
N TRP A 82 6.76 -29.62 -5.56
CA TRP A 82 7.44 -30.03 -4.34
C TRP A 82 8.74 -30.78 -4.70
N ASN A 83 9.87 -30.06 -4.58
CA ASN A 83 11.22 -30.51 -4.94
C ASN A 83 11.85 -31.45 -3.89
N TRP A 84 11.96 -30.94 -2.65
CA TRP A 84 12.58 -31.51 -1.43
C TRP A 84 11.84 -32.67 -0.76
N ASP A 85 12.64 -33.59 -0.14
CA ASP A 85 12.18 -34.80 0.54
C ASP A 85 11.86 -34.52 2.03
N ILE A 86 10.77 -33.77 2.25
CA ILE A 86 10.18 -33.35 3.52
C ILE A 86 8.68 -33.46 3.28
N THR A 87 7.91 -33.94 4.26
CA THR A 87 6.45 -34.09 4.16
C THR A 87 5.81 -32.72 4.42
N PRO A 88 4.81 -32.28 3.61
CA PRO A 88 4.15 -30.98 3.87
C PRO A 88 3.49 -30.85 5.24
N GLU A 89 3.41 -31.99 5.98
CA GLU A 89 2.89 -32.05 7.34
C GLU A 89 3.97 -31.47 8.26
N ASN A 90 5.16 -32.11 8.28
CA ASN A 90 6.32 -31.69 9.07
C ASN A 90 6.82 -30.34 8.61
N ALA A 91 6.76 -30.07 7.28
CA ALA A 91 7.18 -28.79 6.70
C ALA A 91 6.26 -27.67 7.15
N LEU A 92 4.99 -27.97 7.42
CA LEU A 92 4.07 -26.92 7.85
C LEU A 92 4.20 -26.60 9.34
N VAL A 93 4.61 -27.56 10.16
CA VAL A 93 4.83 -27.29 11.58
C VAL A 93 6.11 -26.48 11.73
N LYS A 94 7.08 -26.65 10.78
CA LYS A 94 8.36 -25.92 10.73
C LYS A 94 8.01 -24.47 10.45
N PHE A 95 7.13 -24.26 9.47
CA PHE A 95 6.64 -22.98 9.06
C PHE A 95 5.95 -22.24 10.19
N SER A 96 5.08 -22.92 10.94
CA SER A 96 4.34 -22.30 12.05
C SER A 96 5.27 -21.80 13.17
N ASN A 97 6.27 -22.63 13.52
CA ASN A 97 7.28 -22.31 14.51
C ASN A 97 8.24 -21.25 14.00
N TYR A 98 8.44 -21.23 12.67
CA TYR A 98 9.27 -20.28 11.96
C TYR A 98 8.69 -18.87 12.08
N LYS A 99 7.36 -18.78 11.97
CA LYS A 99 6.63 -17.53 12.02
C LYS A 99 6.84 -16.84 13.36
N LYS A 100 6.91 -17.63 14.44
CA LYS A 100 7.06 -17.19 15.83
C LYS A 100 8.35 -16.38 16.13
N THR A 101 9.26 -16.26 15.13
CA THR A 101 10.53 -15.52 15.24
C THR A 101 10.52 -14.21 14.44
N ILE A 102 9.66 -14.15 13.36
CA ILE A 102 9.47 -13.00 12.44
C ILE A 102 8.98 -11.77 13.23
N PRO A 103 9.78 -10.69 13.30
CA PRO A 103 9.41 -9.54 14.14
C PRO A 103 8.28 -8.69 13.62
N VAL A 104 7.43 -8.32 14.56
CA VAL A 104 6.25 -7.54 14.34
C VAL A 104 6.61 -6.06 14.44
N ARG A 105 6.03 -5.23 13.58
CA ARG A 105 6.16 -3.77 13.60
C ARG A 105 4.75 -3.22 13.57
N GLY A 106 4.39 -2.40 14.54
CA GLY A 106 3.04 -1.87 14.59
C GLY A 106 3.00 -0.41 14.91
N ALA A 107 1.81 0.07 15.27
CA ALA A 107 1.60 1.46 15.57
C ALA A 107 0.67 1.71 16.72
N ALA A 108 0.87 2.84 17.39
CA ALA A 108 0.09 3.36 18.51
C ALA A 108 -0.71 4.54 17.93
N ILE A 109 -1.98 4.30 17.58
CA ILE A 109 -2.81 5.29 16.91
C ILE A 109 -3.58 6.13 17.92
N PHE A 110 -3.19 7.42 17.98
CA PHE A 110 -3.72 8.45 18.86
C PHE A 110 -4.33 9.60 18.07
N ASN A 111 -5.41 10.20 18.59
CA ASN A 111 -6.11 11.34 18.00
C ASN A 111 -5.50 12.66 18.50
N ASP A 112 -5.76 13.78 17.78
CA ASP A 112 -5.29 15.14 18.15
C ASP A 112 -5.56 15.49 19.62
N SER A 113 -6.78 15.14 20.09
CA SER A 113 -7.24 15.29 21.47
C SER A 113 -6.31 14.53 22.46
N LEU A 114 -5.85 13.31 22.08
CA LEU A 114 -4.97 12.39 22.83
C LEU A 114 -5.64 11.69 24.03
N SER A 115 -6.96 11.86 24.17
CA SER A 115 -7.67 11.19 25.26
C SER A 115 -7.89 9.71 24.90
N LYS A 116 -8.09 9.42 23.60
CA LYS A 116 -8.37 8.06 23.12
C LYS A 116 -7.25 7.46 22.26
N ILE A 117 -7.12 6.11 22.31
CA ILE A 117 -6.17 5.29 21.52
C ILE A 117 -6.96 4.27 20.69
N LEU A 118 -6.56 4.02 19.42
CA LEU A 118 -7.22 3.04 18.56
C LEU A 118 -6.58 1.66 18.72
N LEU A 119 -7.40 0.65 19.05
CA LEU A 119 -6.96 -0.73 19.30
C LEU A 119 -7.82 -1.72 18.55
N LEU A 120 -7.19 -2.79 18.06
CA LEU A 120 -7.96 -3.81 17.36
C LEU A 120 -7.86 -5.20 17.99
N ARG A 121 -8.90 -6.00 17.79
CA ARG A 121 -9.00 -7.39 18.25
C ARG A 121 -9.19 -8.26 17.01
N GLY A 122 -8.50 -9.40 17.01
CA GLY A 122 -8.50 -10.37 15.92
C GLY A 122 -9.44 -11.51 16.14
N ILE A 123 -10.16 -11.85 15.07
CA ILE A 123 -11.19 -12.89 14.91
C ILE A 123 -11.27 -13.97 16.03
N ASN A 124 -10.22 -14.79 16.15
CA ASN A 124 -10.08 -15.93 17.07
C ASN A 124 -10.00 -15.53 18.55
N SER A 125 -9.37 -14.36 18.82
CA SER A 125 -9.02 -13.82 20.12
C SER A 125 -10.02 -12.86 20.76
N LYS A 126 -9.70 -12.48 22.01
CA LYS A 126 -10.49 -11.61 22.87
C LYS A 126 -9.67 -10.43 23.41
N HIS A 127 -8.34 -10.53 23.29
CA HIS A 127 -7.37 -9.54 23.74
C HIS A 127 -7.22 -8.34 22.80
N TRP A 128 -7.35 -7.12 23.33
CA TRP A 128 -7.16 -5.92 22.52
C TRP A 128 -5.67 -5.61 22.40
N SER A 129 -5.19 -5.29 21.19
CA SER A 129 -3.80 -4.90 20.98
C SER A 129 -3.72 -3.82 19.92
N PHE A 130 -2.58 -3.68 19.23
CA PHE A 130 -2.33 -2.62 18.28
C PHE A 130 -2.34 -3.07 16.86
N PRO A 131 -2.61 -2.18 15.86
CA PRO A 131 -2.45 -2.58 14.45
C PRO A 131 -0.98 -2.94 14.22
N ARG A 132 -0.70 -4.20 13.85
CA ARG A 132 0.68 -4.65 13.81
C ARG A 132 0.86 -5.93 13.00
N GLY A 133 2.02 -6.09 12.40
CA GLY A 133 2.34 -7.29 11.63
C GLY A 133 3.82 -7.58 11.42
N LYS A 134 4.11 -8.82 11.00
CA LYS A 134 5.44 -9.38 10.70
C LYS A 134 6.08 -8.68 9.50
N ILE A 135 7.40 -8.44 9.55
CA ILE A 135 8.12 -7.78 8.46
C ILE A 135 8.22 -8.67 7.25
N GLY A 136 8.29 -8.03 6.08
CA GLY A 136 8.48 -8.72 4.81
C GLY A 136 9.95 -8.90 4.48
N LYS A 137 10.23 -9.36 3.26
CA LYS A 137 11.59 -9.58 2.78
C LYS A 137 12.17 -8.23 2.37
N ASP A 138 13.22 -7.81 3.10
CA ASP A 138 13.98 -6.58 2.82
C ASP A 138 13.16 -5.26 2.90
N GLU A 139 12.20 -5.17 3.84
CA GLU A 139 11.45 -3.92 3.96
C GLU A 139 11.72 -3.24 5.31
N ASP A 140 12.10 -1.93 5.28
CA ASP A 140 12.40 -1.13 6.46
C ASP A 140 11.24 -1.11 7.44
N ASP A 141 11.57 -0.99 8.75
CA ASP A 141 10.64 -0.97 9.88
C ASP A 141 9.42 -0.05 9.68
N VAL A 142 9.64 1.17 9.23
CA VAL A 142 8.55 2.09 8.99
C VAL A 142 7.65 1.68 7.82
N ALA A 143 8.23 1.13 6.74
CA ALA A 143 7.44 0.67 5.59
C ALA A 143 6.57 -0.54 5.94
N CYS A 144 7.10 -1.47 6.73
CA CYS A 144 6.35 -2.64 7.19
C CYS A 144 5.24 -2.16 8.08
N CYS A 145 5.50 -1.15 8.92
CA CYS A 145 4.43 -0.66 9.75
C CYS A 145 3.35 -0.11 8.89
N ILE A 146 3.69 0.75 7.91
CA ILE A 146 2.64 1.35 7.07
C ILE A 146 1.85 0.28 6.29
N ARG A 147 2.53 -0.68 5.67
CA ARG A 147 1.89 -1.78 4.93
C ARG A 147 0.90 -2.50 5.83
N GLU A 148 1.35 -2.89 7.04
CA GLU A 148 0.55 -3.64 8.01
C GLU A 148 -0.59 -2.84 8.65
N VAL A 149 -0.41 -1.55 8.91
CA VAL A 149 -1.47 -0.72 9.47
C VAL A 149 -2.53 -0.41 8.41
N LYS A 150 -2.15 -0.19 7.13
CA LYS A 150 -3.12 0.04 6.06
C LYS A 150 -4.00 -1.25 5.87
N GLU A 151 -3.34 -2.39 5.80
CA GLU A 151 -3.99 -3.70 5.65
C GLU A 151 -4.96 -3.96 6.79
N GLU A 152 -4.65 -3.50 8.00
CA GLU A 152 -5.45 -3.74 9.21
C GLU A 152 -6.48 -2.66 9.52
N THR A 153 -6.27 -1.44 9.07
CA THR A 153 -7.24 -0.40 9.44
C THR A 153 -7.72 0.46 8.30
N GLY A 154 -7.20 0.21 7.11
CA GLY A 154 -7.54 1.03 5.94
C GLY A 154 -7.06 2.46 6.06
N PHE A 155 -5.95 2.66 6.81
CA PHE A 155 -5.36 3.98 6.97
C PHE A 155 -3.92 3.99 6.56
N ASP A 156 -3.59 4.90 5.63
CA ASP A 156 -2.20 5.08 5.23
C ASP A 156 -1.57 6.01 6.26
N LEU A 157 -0.64 5.45 7.08
CA LEU A 157 -0.08 6.25 8.16
C LEU A 157 1.03 7.22 7.72
N THR A 158 1.68 6.99 6.54
CA THR A 158 2.77 7.75 5.91
C THR A 158 3.12 9.09 6.67
N GLY A 159 2.22 10.05 6.57
CA GLY A 159 2.37 11.38 7.15
C GLY A 159 2.89 11.40 8.57
N PHE A 160 2.24 10.64 9.46
CA PHE A 160 2.59 10.66 10.88
C PHE A 160 3.61 9.62 11.29
N ILE A 161 4.39 9.09 10.35
CA ILE A 161 5.31 8.08 10.82
C ILE A 161 6.68 8.69 11.22
N ASP A 162 6.87 8.90 12.55
CA ASP A 162 8.17 9.35 13.10
C ASP A 162 9.01 8.09 13.28
N ALA A 163 10.27 8.13 12.79
CA ALA A 163 11.10 6.95 12.79
C ALA A 163 11.83 6.68 14.07
N ASP A 164 12.35 7.72 14.74
CA ASP A 164 13.08 7.54 15.98
C ASP A 164 12.16 7.45 17.20
N GLN A 165 10.85 7.75 17.00
CA GLN A 165 9.83 7.72 18.04
C GLN A 165 9.00 6.43 18.03
N TYR A 166 9.61 5.33 18.50
CA TYR A 166 8.92 4.06 18.59
C TYR A 166 9.00 3.56 20.01
N VAL A 167 8.56 2.31 20.26
CA VAL A 167 8.65 1.56 21.53
C VAL A 167 9.06 0.14 21.14
N GLU A 168 10.19 -0.37 21.65
CA GLU A 168 10.68 -1.69 21.30
C GLU A 168 10.59 -2.60 22.50
N ARG A 169 10.16 -3.82 22.28
CA ARG A 169 10.02 -4.79 23.35
C ARG A 169 10.22 -6.15 22.77
N ASN A 170 10.80 -7.04 23.55
CA ASN A 170 10.96 -8.40 23.06
C ASN A 170 10.15 -9.39 23.92
N MET A 171 9.00 -9.81 23.40
CA MET A 171 8.13 -10.74 24.08
C MET A 171 8.32 -12.05 23.36
N ASN A 172 8.81 -13.05 24.09
CA ASN A 172 9.03 -14.44 23.65
C ASN A 172 9.60 -14.58 22.20
N GLY A 173 10.88 -14.24 22.06
CA GLY A 173 11.67 -14.30 20.84
C GLY A 173 10.96 -13.76 19.61
N LYS A 174 10.32 -12.60 19.78
CA LYS A 174 9.55 -11.92 18.75
C LYS A 174 9.79 -10.48 19.02
N ASN A 175 10.45 -9.77 18.10
CA ASN A 175 10.75 -8.35 18.35
C ASN A 175 9.62 -7.40 17.98
N PHE A 176 9.08 -6.71 18.97
CA PHE A 176 8.02 -5.77 18.65
C PHE A 176 8.59 -4.38 18.63
N LYS A 177 8.39 -3.65 17.55
CA LYS A 177 8.80 -2.24 17.45
C LYS A 177 7.51 -1.51 17.08
N ILE A 178 6.92 -0.73 18.02
CA ILE A 178 5.63 -0.06 17.86
C ILE A 178 5.79 1.43 17.81
N PHE A 179 5.55 2.04 16.66
CA PHE A 179 5.69 3.47 16.46
C PHE A 179 4.61 4.29 17.17
N LEU A 180 4.95 5.53 17.57
CA LEU A 180 4.01 6.42 18.27
C LEU A 180 3.47 7.53 17.37
N VAL A 181 2.18 7.39 17.05
CA VAL A 181 1.47 8.21 16.09
C VAL A 181 0.38 9.04 16.77
N LYS A 182 0.39 10.33 16.44
CA LYS A 182 -0.52 11.34 16.96
C LYS A 182 -1.13 12.14 15.81
N GLY A 183 -2.39 12.55 15.99
CA GLY A 183 -3.14 13.40 15.07
C GLY A 183 -4.13 12.73 14.15
N VAL A 184 -4.31 11.41 14.35
CA VAL A 184 -5.21 10.53 13.58
C VAL A 184 -6.70 11.00 13.72
N PRO A 185 -7.48 11.08 12.61
CA PRO A 185 -8.87 11.53 12.73
C PRO A 185 -9.79 10.40 13.21
N GLU A 186 -10.55 10.66 14.28
CA GLU A 186 -11.42 9.63 14.83
C GLU A 186 -12.68 9.38 14.04
N ASP A 187 -13.17 10.37 13.28
CA ASP A 187 -14.40 10.25 12.50
C ASP A 187 -14.29 9.29 11.31
N PHE A 188 -13.08 9.13 10.73
CA PHE A 188 -12.86 8.24 9.59
C PHE A 188 -13.22 6.77 9.93
N GLU A 189 -13.81 6.04 8.98
CA GLU A 189 -14.22 4.66 9.22
C GLU A 189 -13.07 3.68 9.04
N PHE A 190 -12.64 3.05 10.14
CA PHE A 190 -11.50 2.15 10.13
C PHE A 190 -11.84 0.70 9.75
N LYS A 191 -12.38 0.46 8.56
CA LYS A 191 -12.68 -0.93 8.18
C LYS A 191 -11.37 -1.65 7.76
N PRO A 192 -11.14 -2.94 8.11
CA PRO A 192 -9.89 -3.60 7.69
C PRO A 192 -9.93 -3.99 6.22
N GLU A 193 -8.79 -4.21 5.60
CA GLU A 193 -8.84 -4.52 4.18
C GLU A 193 -8.82 -5.99 3.87
N HIS A 194 -8.51 -6.84 4.87
CA HIS A 194 -8.44 -8.27 4.62
C HIS A 194 -9.46 -9.07 5.41
N LYS A 195 -10.07 -10.03 4.71
CA LYS A 195 -11.09 -10.89 5.29
C LYS A 195 -10.50 -11.88 6.29
N ASN A 196 -11.20 -12.11 7.40
CA ASN A 196 -10.91 -13.07 8.49
C ASN A 196 -9.62 -12.84 9.27
N GLU A 197 -9.31 -11.59 9.55
CA GLU A 197 -8.09 -11.26 10.25
C GLU A 197 -8.42 -10.40 11.49
N ILE A 198 -9.22 -9.33 11.32
CA ILE A 198 -9.56 -8.43 12.41
C ILE A 198 -11.04 -8.42 12.66
N GLN A 199 -11.41 -8.77 13.89
CA GLN A 199 -12.82 -8.80 14.33
C GLN A 199 -13.39 -7.41 14.65
N ALA A 200 -12.83 -6.74 15.67
CA ALA A 200 -13.27 -5.41 16.08
C ALA A 200 -12.10 -4.43 16.17
N ILE A 201 -12.37 -3.17 15.79
CA ILE A 201 -11.45 -2.02 15.83
C ILE A 201 -12.20 -0.90 16.56
N GLU A 202 -11.64 -0.36 17.66
CA GLU A 202 -12.31 0.73 18.35
C GLU A 202 -11.33 1.65 19.05
N TRP A 203 -11.83 2.82 19.48
CA TRP A 203 -11.12 3.85 20.24
C TRP A 203 -11.39 3.64 21.75
N LYS A 204 -10.47 2.94 22.44
CA LYS A 204 -10.62 2.73 23.88
C LYS A 204 -10.01 3.96 24.56
N ASP A 205 -10.63 4.44 25.63
CA ASP A 205 -10.15 5.64 26.31
C ASP A 205 -8.93 5.40 27.16
N PHE A 206 -7.80 6.03 26.80
CA PHE A 206 -6.47 5.84 27.41
C PHE A 206 -6.43 5.67 28.94
N LYS A 207 -7.06 6.60 29.70
CA LYS A 207 -7.15 6.57 31.17
C LYS A 207 -7.81 5.29 31.65
N LYS A 208 -8.97 4.92 31.06
CA LYS A 208 -9.75 3.72 31.36
C LYS A 208 -8.79 2.51 31.45
N LEU A 209 -7.93 2.36 30.42
CA LEU A 209 -6.98 1.26 30.26
C LEU A 209 -5.94 1.18 31.34
N SER A 210 -5.33 2.32 31.67
CA SER A 210 -4.29 2.38 32.72
C SER A 210 -4.83 1.83 34.02
N LYS A 211 -6.03 2.30 34.37
CA LYS A 211 -6.72 1.93 35.58
C LYS A 211 -7.00 0.44 35.65
N ALA A 212 -7.32 -0.18 34.49
CA ALA A 212 -7.60 -1.61 34.42
C ALA A 212 -6.36 -2.49 34.30
N ILE A 213 -5.28 -1.93 33.71
CA ILE A 213 -4.00 -2.63 33.53
C ILE A 213 -3.34 -2.72 34.92
N THR A 214 -3.39 -1.62 35.67
CA THR A 214 -2.85 -1.53 37.04
C THR A 214 -3.48 -2.55 38.02
N LYS A 215 -4.67 -3.08 37.69
CA LYS A 215 -5.39 -4.09 38.48
C LYS A 215 -4.82 -5.50 38.27
N ASN A 216 -4.13 -5.75 37.12
CA ASN A 216 -3.49 -7.01 36.70
C ASN A 216 -4.54 -8.13 36.54
N GLU A 217 -5.22 -8.12 35.38
CA GLU A 217 -6.26 -9.09 35.05
C GLU A 217 -6.08 -9.75 33.67
N GLY A 218 -6.55 -10.99 33.58
CA GLY A 218 -6.48 -11.82 32.40
C GLY A 218 -6.45 -13.30 32.74
N PHE A 223 -2.32 -8.48 25.41
CA PHE A 223 -2.17 -7.08 25.02
C PHE A 223 -0.71 -6.61 25.14
N LEU A 224 -0.12 -6.16 24.04
CA LEU A 224 1.26 -5.63 24.10
C LEU A 224 1.32 -4.34 24.92
N VAL A 225 0.16 -3.65 25.00
CA VAL A 225 -0.07 -2.41 25.75
C VAL A 225 0.11 -2.64 27.24
N ASN A 226 0.11 -3.90 27.74
CA ASN A 226 0.35 -4.17 29.16
C ASN A 226 1.84 -4.14 29.53
N SER A 227 2.73 -3.94 28.53
CA SER A 227 4.17 -3.87 28.72
C SER A 227 4.70 -2.47 28.35
N MET A 228 4.07 -1.86 27.34
CA MET A 228 4.42 -0.54 26.82
C MET A 228 3.55 0.56 27.40
N ILE A 229 2.93 0.26 28.56
CA ILE A 229 2.03 1.15 29.29
C ILE A 229 2.69 2.46 29.66
N ARG A 230 3.72 2.41 30.51
CA ARG A 230 4.44 3.61 30.94
C ARG A 230 5.07 4.36 29.77
N PRO A 231 5.71 3.67 28.77
CA PRO A 231 6.23 4.41 27.61
C PRO A 231 5.11 5.20 26.92
N LEU A 232 3.96 4.54 26.69
CA LEU A 232 2.80 5.15 26.04
C LEU A 232 2.28 6.34 26.81
N SER A 233 2.17 6.21 28.15
CA SER A 233 1.67 7.29 29.00
C SER A 233 2.60 8.48 28.93
N LEU A 234 3.92 8.23 28.98
CA LEU A 234 4.92 9.26 28.91
C LEU A 234 4.81 10.02 27.59
N TYR A 235 4.65 9.28 26.49
CA TYR A 235 4.50 9.88 25.17
C TYR A 235 3.31 10.81 25.14
N VAL A 236 2.15 10.36 25.67
CA VAL A 236 0.92 11.15 25.74
C VAL A 236 1.19 12.41 26.52
N LYS A 237 1.83 12.25 27.70
CA LYS A 237 2.15 13.34 28.60
C LYS A 237 3.02 14.39 27.89
N ASN A 238 4.03 13.92 27.15
CA ASN A 238 4.96 14.76 26.40
C ASN A 238 4.35 15.42 25.18
N GLU A 239 3.16 14.94 24.77
CA GLU A 239 2.48 15.38 23.57
C GLU A 239 1.39 16.34 23.90
N LYS A 240 0.58 16.05 24.94
CA LYS A 240 -0.48 16.94 25.41
C LYS A 240 0.22 18.20 25.88
N ARG A 241 1.34 18.02 26.61
CA ARG A 241 2.23 19.06 27.13
C ARG A 241 2.66 19.99 25.99
N ALA A 242 3.11 19.41 24.88
CA ALA A 242 3.58 20.17 23.72
C ALA A 242 2.45 20.80 22.90
N LYS A 243 1.41 20.02 22.55
CA LYS A 243 0.26 20.49 21.74
C LYS A 243 -0.46 21.65 22.44
N ASP A 244 -0.61 21.58 23.78
CA ASP A 244 -1.25 22.65 24.56
C ASP A 244 -0.34 23.87 24.73
N GLU A 245 0.99 23.66 24.95
CA GLU A 245 2.00 24.71 25.10
C GLU A 245 1.96 25.57 23.83
N ASN A 246 1.69 24.92 22.68
CA ASN A 246 1.56 25.56 21.38
C ASN A 246 0.32 26.40 21.29
N LYS A 247 -0.81 25.97 21.91
CA LYS A 247 -2.07 26.74 21.91
C LYS A 247 -2.05 27.91 22.93
N LEU A 248 -1.02 27.95 23.77
CA LEU A 248 -0.78 29.03 24.73
C LEU A 248 0.04 30.08 23.99
N LYS A 249 1.04 29.64 23.20
CA LYS A 249 1.89 30.49 22.35
C LYS A 249 1.05 31.04 21.18
N LEU A 250 0.14 30.20 20.63
CA LEU A 250 -0.76 30.59 19.56
C LEU A 250 -1.59 31.78 20.02
N TYR A 251 -2.27 31.68 21.20
CA TYR A 251 -3.11 32.78 21.75
C TYR A 251 -2.27 34.00 22.13
N ALA A 252 -1.03 33.79 22.62
CA ALA A 252 -0.12 34.88 22.94
C ALA A 252 0.20 35.65 21.64
N GLU A 253 0.34 34.93 20.50
CA GLU A 253 0.59 35.49 19.17
C GLU A 253 -0.68 36.12 18.56
N GLU A 254 -1.83 35.36 18.57
CA GLU A 254 -3.19 35.70 18.09
C GLU A 254 -3.68 37.01 18.73
N HIS A 255 -3.18 37.33 19.95
CA HIS A 255 -3.47 38.58 20.61
C HIS A 255 -2.43 39.68 20.25
N LEU A 256 -1.14 39.32 20.04
CA LEU A 256 -0.13 40.30 19.64
C LEU A 256 -0.36 40.82 18.23
N LYS A 257 -0.71 39.92 17.31
CA LYS A 257 -1.01 40.22 15.90
C LYS A 257 -2.41 40.90 15.68
N SER A 258 -2.91 41.61 16.73
CA SER A 258 -4.17 42.36 16.77
C SER A 258 -4.19 43.45 17.89
N ILE A 259 -3.31 43.32 18.93
CA ILE A 259 -3.17 44.30 20.02
C ILE A 259 -2.18 45.39 19.54
N LEU A 260 -1.37 45.04 18.55
CA LEU A 260 -0.37 45.87 17.90
C LEU A 260 -0.45 45.46 16.43
N GLY A 261 -0.11 44.19 16.21
CA GLY A 261 0.00 43.50 14.95
C GLY A 261 -0.80 44.00 13.78
N LEU A 262 -0.08 44.29 12.69
CA LEU A 262 -0.64 44.71 11.41
C LEU A 262 -0.81 43.41 10.57
N ASN A 263 -1.72 42.51 11.03
CA ASN A 263 -2.05 41.20 10.40
C ASN A 263 -2.79 41.42 9.06
N LYS A 264 -2.49 40.58 8.03
CA LYS A 264 -3.10 40.65 6.70
C LYS A 264 -4.22 39.61 6.48
N THR B 3 14.65 -30.88 -13.16
CA THR B 3 15.63 -30.67 -14.24
C THR B 3 15.14 -29.60 -15.24
N GLU B 4 14.19 -29.99 -16.16
CA GLU B 4 13.50 -29.14 -17.14
C GLU B 4 12.05 -29.55 -17.22
N THR B 5 11.74 -30.79 -16.76
CA THR B 5 10.38 -31.33 -16.64
C THR B 5 9.60 -30.47 -15.63
N LEU B 6 10.33 -29.84 -14.69
CA LEU B 6 9.84 -28.93 -13.67
C LEU B 6 9.49 -27.55 -14.27
N GLU B 7 9.89 -27.32 -15.54
CA GLU B 7 9.70 -26.08 -16.29
C GLU B 7 8.83 -26.28 -17.54
N ILE B 8 8.74 -27.52 -18.10
CA ILE B 8 7.86 -27.84 -19.24
C ILE B 8 6.43 -27.82 -18.72
N TYR B 9 6.23 -28.37 -17.50
CA TYR B 9 4.99 -28.38 -16.74
C TYR B 9 4.66 -26.91 -16.47
N ARG B 10 5.62 -26.15 -15.88
CA ARG B 10 5.50 -24.72 -15.60
C ARG B 10 5.04 -23.98 -16.85
N LYS B 11 5.55 -24.37 -18.04
CA LYS B 11 5.16 -23.78 -19.33
C LYS B 11 3.72 -24.09 -19.71
N ALA B 12 3.33 -25.40 -19.59
CA ALA B 12 2.00 -25.95 -19.91
C ALA B 12 0.96 -25.40 -18.96
N LEU B 13 1.21 -25.49 -17.64
CA LEU B 13 0.33 -25.00 -16.59
C LEU B 13 0.16 -23.47 -16.67
N ASN B 14 1.23 -22.71 -16.94
CA ASN B 14 1.13 -21.26 -17.13
C ASN B 14 0.25 -20.99 -18.34
N PHE B 15 0.29 -21.87 -19.33
CA PHE B 15 -0.52 -21.66 -20.52
C PHE B 15 -2.00 -21.97 -20.25
N ASN B 16 -2.29 -23.25 -19.92
CA ASN B 16 -3.63 -23.79 -19.69
C ASN B 16 -4.47 -23.01 -18.71
N VAL B 17 -3.83 -22.42 -17.65
CA VAL B 17 -4.52 -21.57 -16.66
C VAL B 17 -4.93 -20.24 -17.31
N ILE B 18 -3.97 -19.54 -18.01
CA ILE B 18 -4.35 -18.29 -18.68
C ILE B 18 -5.43 -18.59 -19.76
N ALA B 19 -5.28 -19.73 -20.46
CA ALA B 19 -6.20 -20.21 -21.49
C ALA B 19 -7.69 -20.31 -21.05
N ARG B 20 -7.93 -20.24 -19.72
CA ARG B 20 -9.28 -20.32 -19.12
C ARG B 20 -9.88 -18.94 -18.89
N TYR B 21 -9.01 -17.90 -18.88
CA TYR B 21 -9.38 -16.50 -18.73
C TYR B 21 -9.44 -15.87 -20.11
N ASP B 22 -8.51 -16.31 -20.96
CA ASP B 22 -8.45 -15.94 -22.36
C ASP B 22 -8.25 -17.20 -23.20
N PRO B 23 -9.31 -17.66 -23.87
CA PRO B 23 -9.22 -18.92 -24.62
C PRO B 23 -8.50 -18.81 -25.95
N LYS B 24 -8.18 -17.58 -26.36
CA LYS B 24 -7.48 -17.36 -27.60
C LYS B 24 -5.98 -17.07 -27.33
N ILE B 25 -5.26 -18.06 -26.77
CA ILE B 25 -3.80 -17.92 -26.56
C ILE B 25 -3.12 -18.88 -27.51
N LYS B 26 -2.62 -18.35 -28.62
CA LYS B 26 -1.93 -19.16 -29.62
C LYS B 26 -0.61 -19.65 -29.00
N GLN B 27 0.14 -18.72 -28.38
CA GLN B 27 1.43 -18.99 -27.74
C GLN B 27 1.79 -17.87 -26.76
N LEU B 28 2.21 -18.28 -25.55
CA LEU B 28 2.66 -17.35 -24.51
C LEU B 28 4.02 -16.78 -24.91
N LEU B 29 4.19 -15.46 -24.77
CA LEU B 29 5.47 -14.85 -25.14
C LEU B 29 6.48 -14.97 -24.02
N PHE B 30 6.11 -14.49 -22.80
CA PHE B 30 6.98 -14.58 -21.60
C PHE B 30 6.20 -14.24 -20.29
N HIS B 31 6.90 -14.29 -19.12
CA HIS B 31 6.35 -13.98 -17.80
C HIS B 31 7.39 -13.44 -16.81
N THR B 32 7.11 -12.27 -16.21
CA THR B 32 7.93 -11.70 -15.15
C THR B 32 7.09 -11.73 -13.88
N PRO B 33 7.59 -12.37 -12.80
CA PRO B 33 6.74 -12.62 -11.61
C PRO B 33 6.39 -11.44 -10.68
N HIS B 34 6.75 -10.19 -11.01
CA HIS B 34 6.29 -9.08 -10.18
C HIS B 34 5.85 -7.89 -10.97
N ALA B 35 4.66 -7.32 -10.63
CA ALA B 35 4.05 -6.17 -11.29
C ALA B 35 2.98 -5.53 -10.44
N THR B 36 2.73 -4.22 -10.63
CA THR B 36 1.66 -3.48 -9.96
C THR B 36 1.13 -2.39 -10.88
N VAL B 37 -0.18 -2.41 -11.11
CA VAL B 37 -0.81 -1.44 -11.98
C VAL B 37 -1.04 -0.15 -11.25
N TYR B 38 -0.66 0.93 -11.91
CA TYR B 38 -0.85 2.32 -11.52
C TYR B 38 -1.57 3.02 -12.67
N LYS B 39 -2.43 3.99 -12.38
CA LYS B 39 -3.17 4.67 -13.42
C LYS B 39 -3.22 6.19 -13.24
N TRP B 40 -2.89 6.94 -14.31
CA TRP B 40 -2.81 8.41 -14.34
C TRP B 40 -4.20 9.07 -14.28
N GLY B 41 -4.52 9.63 -13.12
CA GLY B 41 -5.81 10.27 -12.87
C GLY B 41 -5.81 11.79 -12.83
N ASP B 42 -5.49 12.35 -11.66
CA ASP B 42 -5.47 13.79 -11.37
C ASP B 42 -4.04 14.34 -11.50
N ASP B 43 -3.45 14.18 -12.72
CA ASP B 43 -2.08 14.53 -13.13
C ASP B 43 -1.07 13.96 -12.10
N ASN B 44 -1.31 12.69 -11.74
CA ASN B 44 -0.62 11.93 -10.72
C ASN B 44 -0.91 10.45 -11.02
N TRP B 45 -0.08 9.53 -10.49
CA TRP B 45 -0.25 8.07 -10.65
C TRP B 45 -0.88 7.43 -9.38
N ASN B 46 -2.03 6.75 -9.53
CA ASN B 46 -2.73 6.15 -8.39
C ASN B 46 -2.60 4.63 -8.35
N LYS B 47 -2.56 4.07 -7.13
CA LYS B 47 -2.43 2.62 -6.93
C LYS B 47 -3.69 1.84 -7.27
N LEU B 48 -3.50 0.73 -8.00
CA LEU B 48 -4.57 -0.15 -8.43
C LEU B 48 -4.38 -1.56 -7.85
N GLU B 49 -5.50 -2.21 -7.48
CA GLU B 49 -5.56 -3.53 -6.89
C GLU B 49 -5.07 -4.71 -7.75
N TYR B 50 -4.26 -4.50 -8.78
CA TYR B 50 -3.72 -5.62 -9.54
C TYR B 50 -2.22 -5.75 -9.27
N GLN B 51 -1.83 -6.83 -8.55
CA GLN B 51 -0.44 -7.21 -8.21
C GLN B 51 -0.32 -8.70 -8.56
N GLY B 52 0.75 -9.06 -9.26
CA GLY B 52 0.98 -10.45 -9.63
C GLY B 52 1.80 -10.60 -10.88
N VAL B 53 1.97 -11.85 -11.34
CA VAL B 53 2.78 -12.21 -12.51
C VAL B 53 2.26 -11.58 -13.78
N LEU B 54 3.14 -10.85 -14.42
CA LEU B 54 2.90 -10.20 -15.70
C LEU B 54 3.18 -11.26 -16.78
N ALA B 55 2.31 -11.29 -17.81
CA ALA B 55 2.50 -12.18 -18.96
C ALA B 55 1.88 -11.61 -20.19
N ILE B 56 2.73 -11.48 -21.24
CA ILE B 56 2.34 -11.06 -22.59
C ILE B 56 2.32 -12.34 -23.42
N TYR B 57 1.26 -12.48 -24.22
CA TYR B 57 1.06 -13.66 -25.04
C TYR B 57 0.55 -13.30 -26.43
N LEU B 58 0.78 -14.21 -27.38
CA LEU B 58 0.24 -14.12 -28.73
C LEU B 58 -1.19 -14.66 -28.67
N ARG B 59 -2.11 -13.85 -29.16
CA ARG B 59 -3.53 -14.11 -29.24
C ARG B 59 -3.87 -14.14 -30.72
N ASP B 60 -5.38 -16.70 -30.64
CA ASP B 60 -5.44 -16.96 -32.07
C ASP B 60 -6.37 -15.95 -32.72
N VAL B 61 -5.84 -15.11 -33.59
CA VAL B 61 -6.69 -14.15 -34.31
C VAL B 61 -6.52 -14.38 -35.85
N GLY B 62 -7.32 -15.27 -36.43
CA GLY B 62 -8.35 -16.04 -35.76
C GLY B 62 -9.45 -16.38 -36.74
N ASP B 63 -10.62 -15.74 -36.56
CA ASP B 63 -11.82 -15.93 -37.37
C ASP B 63 -12.36 -14.61 -37.91
N LYS B 64 -13.05 -14.70 -39.05
CA LYS B 64 -13.71 -13.57 -39.67
C LYS B 64 -14.67 -12.89 -38.69
N GLU B 65 -15.62 -13.66 -38.14
CA GLU B 65 -16.63 -13.14 -37.22
C GLU B 65 -16.43 -13.55 -35.74
N ALA B 66 -15.18 -13.80 -35.29
CA ALA B 66 -15.03 -14.09 -33.87
C ALA B 66 -15.35 -12.83 -33.10
N ILE B 67 -16.15 -13.01 -32.04
CA ILE B 67 -16.59 -11.90 -31.22
C ILE B 67 -16.07 -12.06 -29.80
N LEU B 68 -15.96 -10.91 -29.12
CA LEU B 68 -15.53 -10.81 -27.73
C LEU B 68 -16.77 -10.63 -26.82
N PRO B 69 -17.10 -11.68 -26.02
CA PRO B 69 -18.29 -11.60 -25.18
C PRO B 69 -18.07 -10.71 -23.97
N GLU B 70 -19.16 -10.41 -23.25
CA GLU B 70 -19.11 -9.56 -22.07
C GLU B 70 -19.09 -10.35 -20.74
N VAL B 71 -18.20 -9.93 -19.83
CA VAL B 71 -18.22 -10.36 -18.43
C VAL B 71 -19.53 -9.99 -17.73
N SER B 72 -19.99 -10.86 -16.84
CA SER B 72 -21.14 -10.60 -16.00
C SER B 72 -20.63 -9.65 -14.90
N SER B 73 -21.06 -8.36 -14.97
CA SER B 73 -20.71 -7.21 -14.10
C SER B 73 -19.45 -7.41 -13.22
N GLU B 84 -15.91 7.59 -11.71
CA GLU B 84 -16.46 7.09 -12.97
C GLU B 84 -15.38 6.51 -13.91
N ALA B 85 -14.21 7.18 -13.98
CA ALA B 85 -13.07 6.77 -14.82
C ALA B 85 -12.35 5.54 -14.26
N ASN B 86 -12.48 5.32 -12.92
CA ASN B 86 -11.89 4.23 -12.13
C ASN B 86 -11.96 2.83 -12.77
N THR B 87 -12.94 2.61 -13.68
CA THR B 87 -13.15 1.34 -14.39
C THR B 87 -12.62 1.37 -15.84
N PRO B 88 -11.78 0.37 -16.27
CA PRO B 88 -11.33 0.34 -17.67
C PRO B 88 -12.47 -0.12 -18.59
N HIS B 89 -12.63 0.54 -19.75
CA HIS B 89 -13.70 0.26 -20.71
C HIS B 89 -13.44 -1.05 -21.42
N VAL B 90 -14.33 -2.04 -21.17
CA VAL B 90 -14.28 -3.40 -21.72
C VAL B 90 -14.19 -3.41 -23.24
N LEU B 91 -13.39 -4.32 -23.81
CA LEU B 91 -13.20 -4.38 -25.26
C LEU B 91 -14.26 -5.18 -25.98
N THR B 92 -15.19 -4.46 -26.60
CA THR B 92 -16.33 -5.02 -27.31
C THR B 92 -16.16 -4.96 -28.82
N GLY B 93 -16.62 -6.00 -29.48
CA GLY B 93 -16.58 -6.10 -30.92
C GLY B 93 -15.88 -7.32 -31.44
N HIS B 94 -15.31 -7.19 -32.62
CA HIS B 94 -14.61 -8.25 -33.30
C HIS B 94 -13.28 -8.52 -32.66
N ASP B 95 -12.77 -9.73 -32.92
CA ASP B 95 -11.46 -10.21 -32.46
C ASP B 95 -10.40 -9.84 -33.53
N ILE B 96 -9.61 -8.79 -33.25
CA ILE B 96 -8.53 -8.30 -34.13
C ILE B 96 -7.21 -8.26 -33.37
N TYR B 97 -7.30 -7.95 -32.04
CA TYR B 97 -6.28 -7.81 -30.98
C TYR B 97 -5.34 -8.99 -31.00
N ASN B 98 -4.22 -8.81 -31.69
CA ASN B 98 -3.20 -9.80 -31.97
C ASN B 98 -2.44 -10.36 -30.79
N TYR B 99 -2.18 -9.52 -29.78
CA TYR B 99 -1.45 -9.91 -28.59
C TYR B 99 -2.20 -9.44 -27.35
N GLY B 100 -1.94 -10.08 -26.24
CA GLY B 100 -2.59 -9.74 -24.99
C GLY B 100 -1.63 -9.63 -23.84
N LEU B 101 -2.11 -8.97 -22.78
CA LEU B 101 -1.43 -8.76 -21.51
C LEU B 101 -2.33 -9.20 -20.32
N ILE B 102 -1.71 -9.87 -19.35
CA ILE B 102 -2.41 -10.35 -18.16
C ILE B 102 -1.49 -10.28 -16.92
N ILE B 103 -2.07 -9.76 -15.79
CA ILE B 103 -1.52 -9.70 -14.43
C ILE B 103 -2.46 -10.55 -13.56
N MET B 104 -2.02 -11.79 -13.34
CA MET B 104 -2.60 -12.86 -12.54
C MET B 104 -2.66 -12.39 -11.09
N ASN B 105 -3.66 -11.55 -10.84
CA ASN B 105 -3.90 -10.88 -9.59
C ASN B 105 -3.89 -11.75 -8.40
N ARG B 106 -2.91 -11.54 -7.54
CA ARG B 106 -2.77 -12.30 -6.30
C ARG B 106 -3.72 -11.71 -5.19
N ILE B 107 -4.31 -10.50 -5.45
CA ILE B 107 -5.14 -9.67 -4.54
C ILE B 107 -6.58 -10.14 -4.36
N ASN B 108 -7.30 -10.13 -5.47
CA ASN B 108 -8.71 -10.47 -5.61
C ASN B 108 -8.82 -11.42 -6.83
N PRO B 109 -9.98 -12.05 -7.12
CA PRO B 109 -9.98 -13.01 -8.22
C PRO B 109 -9.86 -12.41 -9.61
N ASP B 110 -10.35 -11.17 -9.84
CA ASP B 110 -10.25 -10.63 -11.20
C ASP B 110 -8.84 -10.11 -11.51
N ASN B 111 -8.39 -10.39 -12.75
CA ASN B 111 -7.08 -10.14 -13.31
C ASN B 111 -7.06 -8.96 -14.24
N PHE B 112 -5.88 -8.29 -14.37
CA PHE B 112 -5.68 -7.11 -15.21
C PHE B 112 -5.42 -7.47 -16.67
N SER B 113 -6.14 -6.81 -17.60
CA SER B 113 -5.97 -7.05 -19.04
C SER B 113 -5.84 -5.81 -19.91
N LEU B 114 -4.86 -5.86 -20.81
CA LEU B 114 -4.63 -4.83 -21.82
C LEU B 114 -4.48 -5.53 -23.15
N ALA B 115 -5.40 -5.25 -24.11
CA ALA B 115 -5.37 -5.82 -25.44
C ALA B 115 -4.34 -5.06 -26.23
N ILE B 116 -3.26 -5.73 -26.67
CA ILE B 116 -2.22 -5.04 -27.44
C ILE B 116 -2.31 -5.43 -28.94
N ALA B 117 -2.96 -4.52 -29.71
CA ALA B 117 -3.16 -4.58 -31.16
C ALA B 117 -2.09 -3.71 -31.82
N PRO B 118 -1.33 -4.26 -32.81
CA PRO B 118 -0.23 -3.50 -33.44
C PRO B 118 -0.66 -2.22 -34.13
N ASN B 119 0.04 -1.08 -33.86
CA ASN B 119 -0.26 0.24 -34.47
C ASN B 119 -0.09 0.21 -36.01
N SER B 120 0.39 -0.93 -36.53
CA SER B 120 0.61 -1.23 -37.94
C SER B 120 -0.69 -1.74 -38.64
N VAL B 121 -1.31 -2.79 -38.09
CA VAL B 121 -2.53 -3.39 -38.63
C VAL B 121 -3.79 -2.90 -37.86
N LEU B 122 -3.70 -1.69 -37.28
CA LEU B 122 -4.79 -1.06 -36.55
C LEU B 122 -5.55 -0.17 -37.50
N ASN B 123 -4.81 0.64 -38.29
CA ASN B 123 -5.31 1.59 -39.30
C ASN B 123 -5.78 0.83 -40.54
N LYS B 124 -5.16 -0.35 -40.78
CA LYS B 124 -5.42 -1.31 -41.86
C LYS B 124 -6.87 -1.83 -41.78
N ARG B 125 -7.35 -2.03 -40.56
CA ARG B 125 -8.66 -2.54 -40.21
C ARG B 125 -9.74 -1.43 -40.27
N LYS B 126 -9.48 -0.28 -39.61
CA LYS B 126 -10.36 0.87 -39.43
C LYS B 126 -10.55 1.78 -40.66
N LEU B 127 -9.87 1.50 -41.78
CA LEU B 127 -10.03 2.33 -42.98
C LEU B 127 -10.50 1.52 -44.21
N PHE B 128 -10.18 0.20 -44.28
CA PHE B 128 -10.63 -0.74 -45.33
C PHE B 128 -12.11 -1.04 -45.06
N ALA B 129 -12.43 -1.37 -43.80
CA ALA B 129 -13.76 -1.60 -43.26
C ALA B 129 -13.94 -0.39 -42.31
N PRO B 130 -14.38 0.79 -42.84
CA PRO B 130 -14.49 2.00 -41.98
C PRO B 130 -15.54 1.91 -40.87
N ASN B 131 -16.18 0.72 -40.70
CA ASN B 131 -17.16 0.43 -39.65
C ASN B 131 -16.44 0.39 -38.29
N ARG B 132 -16.45 1.56 -37.64
CA ARG B 132 -15.82 1.84 -36.35
C ARG B 132 -16.83 1.77 -35.19
N GLU B 133 -16.57 0.87 -34.22
CA GLU B 133 -17.41 0.70 -33.03
C GLU B 133 -16.79 1.62 -31.95
N GLU B 134 -15.54 1.32 -31.57
CA GLU B 134 -14.74 2.05 -30.61
C GLU B 134 -13.55 2.69 -31.34
N GLU B 135 -12.96 3.74 -30.76
CA GLU B 135 -11.81 4.38 -31.40
C GLU B 135 -10.51 3.92 -30.80
N LEU B 136 -9.90 2.91 -31.45
CA LEU B 136 -8.62 2.35 -31.02
C LEU B 136 -7.52 3.41 -31.21
N GLU B 137 -6.96 3.89 -30.10
CA GLU B 137 -5.92 4.91 -30.08
C GLU B 137 -4.58 4.17 -30.11
N PRO B 138 -3.81 4.25 -31.22
CA PRO B 138 -2.53 3.50 -31.30
C PRO B 138 -1.68 3.60 -30.04
N MET B 139 -1.62 2.47 -29.31
CA MET B 139 -0.95 2.35 -28.03
C MET B 139 0.47 2.85 -28.01
N LYS B 140 0.81 3.58 -26.95
CA LYS B 140 2.13 4.15 -26.74
C LYS B 140 2.82 3.56 -25.51
N VAL B 141 4.12 3.28 -25.62
CA VAL B 141 4.92 2.75 -24.51
C VAL B 141 6.19 3.55 -24.34
N GLU B 142 6.52 3.87 -23.08
CA GLU B 142 7.73 4.60 -22.67
C GLU B 142 8.08 4.18 -21.24
N VAL B 143 9.25 4.62 -20.77
CA VAL B 143 9.69 4.36 -19.41
C VAL B 143 10.04 5.73 -18.76
N ARG B 144 9.50 5.97 -17.55
CA ARG B 144 9.67 7.21 -16.80
C ARG B 144 9.30 6.87 -15.38
N ASP B 145 10.01 7.45 -14.40
CA ASP B 145 9.79 7.32 -12.95
C ASP B 145 9.62 5.86 -12.43
N ASP B 146 10.50 4.93 -12.89
CA ASP B 146 10.47 3.50 -12.52
C ASP B 146 9.06 2.86 -12.78
N LEU B 147 8.50 3.15 -13.97
CA LEU B 147 7.21 2.68 -14.47
C LEU B 147 7.28 2.54 -15.97
N VAL B 148 6.65 1.48 -16.48
CA VAL B 148 6.53 1.23 -17.90
C VAL B 148 5.17 1.82 -18.27
N MET B 149 5.22 3.09 -18.71
CA MET B 149 4.04 3.88 -19.08
C MET B 149 3.44 3.38 -20.38
N ILE B 150 2.17 2.92 -20.30
CA ILE B 150 1.44 2.38 -21.43
C ILE B 150 0.18 3.19 -21.67
N LYS B 151 0.16 3.99 -22.75
CA LYS B 151 -1.05 4.69 -23.18
C LYS B 151 -1.89 3.60 -23.89
N THR B 152 -3.19 3.50 -23.55
CA THR B 152 -4.05 2.43 -24.05
C THR B 152 -4.93 2.84 -25.25
N LEU B 153 -5.43 1.83 -25.96
CA LEU B 153 -6.30 2.00 -27.13
C LEU B 153 -7.57 2.80 -26.81
N LYS B 154 -7.90 3.02 -25.52
CA LYS B 154 -9.04 3.85 -25.13
C LYS B 154 -8.57 5.03 -24.21
N LYS B 155 -7.52 5.77 -24.67
CA LYS B 155 -6.89 6.99 -24.11
C LYS B 155 -6.40 6.96 -22.62
N GLU B 156 -6.66 5.87 -21.88
CA GLU B 156 -6.24 5.72 -20.47
C GLU B 156 -4.74 5.44 -20.38
N VAL B 157 -4.07 5.94 -19.32
CA VAL B 157 -2.64 5.73 -19.14
C VAL B 157 -2.35 4.84 -17.95
N TYR B 158 -1.85 3.63 -18.22
CA TYR B 158 -1.51 2.62 -17.22
C TYR B 158 -0.02 2.41 -17.13
N GLY B 159 0.50 2.44 -15.92
CA GLY B 159 1.91 2.23 -15.65
C GLY B 159 2.09 1.05 -14.73
N ILE B 160 2.93 0.09 -15.14
CA ILE B 160 3.23 -1.11 -14.34
C ILE B 160 4.64 -1.08 -13.76
N TRP B 161 4.83 -1.65 -12.55
CA TRP B 161 6.13 -1.65 -11.90
C TRP B 161 6.75 -3.03 -11.69
N VAL B 162 7.99 -3.21 -12.17
CA VAL B 162 8.80 -4.39 -11.95
C VAL B 162 9.96 -3.92 -11.07
N HIS B 163 10.39 -4.78 -10.13
CA HIS B 163 11.53 -4.42 -9.29
C HIS B 163 12.83 -4.31 -10.11
N THR B 164 13.11 -5.33 -10.93
CA THR B 164 14.30 -5.39 -11.77
C THR B 164 14.28 -4.37 -12.90
N PRO B 165 15.36 -3.56 -13.05
CA PRO B 165 15.42 -2.62 -14.19
C PRO B 165 15.56 -3.37 -15.50
N GLU B 166 16.24 -4.54 -15.49
CA GLU B 166 16.35 -5.39 -16.68
C GLU B 166 14.95 -5.86 -17.09
N ASP B 167 14.12 -6.29 -16.12
CA ASP B 167 12.75 -6.72 -16.42
C ASP B 167 11.88 -5.57 -16.94
N ARG B 168 11.99 -4.36 -16.33
CA ARG B 168 11.26 -3.12 -16.67
C ARG B 168 11.55 -2.63 -18.08
N GLN B 169 12.80 -2.80 -18.51
CA GLN B 169 13.19 -2.40 -19.85
C GLN B 169 13.14 -3.58 -20.85
N ASN B 170 12.92 -4.82 -20.36
CA ASN B 170 12.76 -5.90 -21.30
C ASN B 170 11.33 -5.95 -21.80
N ILE B 171 10.32 -5.93 -20.89
CA ILE B 171 8.90 -5.89 -21.27
C ILE B 171 8.57 -4.69 -22.19
N TYR B 172 9.25 -3.54 -21.94
CA TYR B 172 9.06 -2.33 -22.71
C TYR B 172 9.37 -2.56 -24.18
N GLU B 173 10.63 -2.89 -24.50
CA GLU B 173 11.12 -3.14 -25.87
C GLU B 173 10.23 -4.13 -26.60
N LEU B 174 9.80 -5.21 -25.91
CA LEU B 174 8.93 -6.21 -26.48
C LEU B 174 7.58 -5.61 -26.84
N ILE B 175 7.01 -4.84 -25.89
CA ILE B 175 5.72 -4.19 -26.13
C ILE B 175 5.82 -3.32 -27.39
N LYS B 176 6.97 -2.64 -27.58
CA LYS B 176 7.25 -1.84 -28.78
C LYS B 176 7.35 -2.76 -29.99
N TYR B 177 8.23 -3.79 -29.96
CA TYR B 177 8.40 -4.76 -31.04
C TYR B 177 7.08 -5.36 -31.52
N LEU B 178 6.07 -5.44 -30.64
CA LEU B 178 4.75 -5.91 -31.06
C LEU B 178 3.99 -4.82 -31.82
N LEU B 179 3.78 -3.60 -31.21
CA LEU B 179 3.05 -2.48 -31.85
C LEU B 179 3.77 -1.88 -33.07
N GLU B 180 5.04 -2.21 -33.23
CA GLU B 180 5.80 -1.68 -34.36
C GLU B 180 5.96 -2.73 -35.46
N ASN B 181 6.63 -3.89 -35.20
CA ASN B 181 6.71 -4.94 -36.23
C ASN B 181 5.34 -5.53 -36.46
N GLU B 182 5.00 -5.74 -37.74
CA GLU B 182 3.72 -6.30 -38.17
C GLU B 182 3.59 -7.74 -37.65
N PRO B 183 2.34 -8.21 -37.38
CA PRO B 183 2.18 -9.59 -36.89
C PRO B 183 2.30 -10.58 -38.02
N THR B 184 3.45 -11.26 -38.07
CA THR B 184 3.76 -12.27 -39.08
C THR B 184 4.32 -13.49 -38.32
N ASP B 185 3.61 -14.65 -38.39
CA ASP B 185 3.89 -15.91 -37.69
C ASP B 185 4.02 -15.74 -36.16
N ASN C 3 0.95 41.88 31.77
CA ASN C 3 0.17 40.82 31.14
C ASN C 3 1.10 39.91 30.35
N PHE C 4 1.44 40.30 29.10
CA PHE C 4 2.31 39.55 28.19
C PHE C 4 3.81 39.54 28.60
N LYS C 5 4.14 39.97 29.83
CA LYS C 5 5.52 40.01 30.33
C LYS C 5 6.08 38.60 30.49
N GLY C 6 7.36 38.44 30.21
CA GLY C 6 8.05 37.16 30.33
C GLY C 6 8.05 36.31 29.08
N TYR C 7 7.08 36.52 28.17
CA TYR C 7 6.99 35.78 26.91
C TYR C 7 8.10 36.25 26.01
N GLN C 8 9.12 35.40 25.80
CA GLN C 8 10.21 35.75 24.91
C GLN C 8 9.65 35.74 23.47
N ILE C 9 9.76 36.88 22.80
CA ILE C 9 9.22 37.05 21.46
C ILE C 9 10.30 37.40 20.48
N GLU C 10 10.05 37.14 19.23
CA GLU C 10 10.97 37.44 18.16
C GLU C 10 10.26 38.42 17.24
N ILE C 11 10.98 39.46 16.82
CA ILE C 11 10.47 40.50 15.93
C ILE C 11 11.34 40.59 14.67
N GLU C 12 10.71 40.32 13.52
CA GLU C 12 11.36 40.39 12.21
C GLU C 12 11.04 41.76 11.62
N LEU C 13 12.04 42.40 11.02
CA LEU C 13 11.87 43.72 10.40
C LEU C 13 12.24 43.69 8.91
N LYS C 14 11.45 44.40 8.10
CA LYS C 14 11.58 44.46 6.64
C LYS C 14 12.87 45.12 6.16
N ASP C 15 13.56 45.90 7.01
CA ASP C 15 14.81 46.52 6.59
C ASP C 15 15.91 45.46 6.35
N GLY C 16 15.81 44.32 7.03
CA GLY C 16 16.75 43.19 6.93
C GLY C 16 17.21 42.70 8.29
N LYS C 17 16.76 43.40 9.34
CA LYS C 17 17.09 43.12 10.73
C LYS C 17 16.02 42.23 11.39
N ARG C 18 16.46 41.49 12.41
CA ARG C 18 15.66 40.61 13.25
C ARG C 18 16.09 40.92 14.71
N ILE C 19 15.13 40.99 15.64
CA ILE C 19 15.38 41.25 17.06
C ILE C 19 14.62 40.26 17.91
N THR C 20 15.34 39.53 18.75
CA THR C 20 14.69 38.61 19.66
C THR C 20 14.58 39.36 21.03
N GLY C 21 14.58 38.65 22.16
CA GLY C 21 14.49 39.28 23.46
C GLY C 21 13.13 39.13 24.13
N THR C 22 13.13 39.10 25.47
CA THR C 22 11.93 38.94 26.30
C THR C 22 11.21 40.27 26.49
N LEU C 23 9.88 40.27 26.37
CA LEU C 23 8.99 41.43 26.47
C LEU C 23 8.92 42.00 27.90
N LYS C 24 8.92 43.36 28.03
CA LYS C 24 8.83 44.07 29.31
C LYS C 24 7.59 44.96 29.42
N GLN C 25 7.21 45.63 28.32
CA GLN C 25 6.04 46.50 28.29
C GLN C 25 5.33 46.39 26.95
N VAL C 26 4.02 46.15 27.04
CA VAL C 26 3.09 46.04 25.93
C VAL C 26 2.11 47.21 25.98
N SER C 27 2.09 47.99 24.89
CA SER C 27 1.21 49.15 24.66
C SER C 27 0.88 49.14 23.17
N PRO C 28 -0.36 49.46 22.75
CA PRO C 28 -0.68 49.43 21.30
C PRO C 28 0.10 50.41 20.40
N LYS C 29 0.80 51.37 21.02
CA LYS C 29 1.67 52.33 20.36
C LYS C 29 3.15 51.93 20.45
N SER C 30 3.63 51.30 21.59
CA SER C 30 5.05 50.89 21.87
C SER C 30 5.24 49.48 22.46
N LEU C 31 6.28 48.76 21.98
CA LEU C 31 6.71 47.43 22.44
C LEU C 31 8.10 47.56 23.00
N THR C 32 8.30 47.13 24.26
CA THR C 32 9.61 47.21 24.91
C THR C 32 10.18 45.83 25.25
N LEU C 33 11.48 45.59 24.91
CA LEU C 33 12.15 44.32 25.17
C LEU C 33 13.36 44.39 26.10
N THR C 34 13.49 43.37 26.96
CA THR C 34 14.61 43.14 27.89
C THR C 34 15.48 42.11 27.22
N ASP C 35 16.80 42.40 27.20
CA ASP C 35 17.84 41.53 26.65
C ASP C 35 17.58 41.19 25.20
N ALA C 36 17.38 42.26 24.44
CA ALA C 36 17.15 42.20 23.01
C ALA C 36 18.44 41.88 22.26
N VAL C 37 18.41 40.78 21.50
CA VAL C 37 19.54 40.33 20.72
C VAL C 37 19.16 40.57 19.26
N PHE C 38 20.06 41.23 18.52
CA PHE C 38 19.84 41.57 17.11
C PHE C 38 20.71 40.77 16.18
N GLN C 39 20.14 40.34 15.04
CA GLN C 39 20.75 39.56 13.96
C GLN C 39 21.79 40.39 13.17
N ASP C 40 22.36 41.39 13.83
CA ASP C 40 23.35 42.31 13.30
C ASP C 40 24.53 42.35 14.22
N GLY C 41 24.42 41.62 15.32
CA GLY C 41 25.49 41.52 16.30
C GLY C 41 25.42 42.52 17.43
N GLY C 42 24.21 42.92 17.78
CA GLY C 42 24.02 43.84 18.88
C GLY C 42 23.11 43.27 19.92
N VAL C 43 23.55 43.32 21.18
CA VAL C 43 22.73 42.91 22.30
C VAL C 43 22.62 44.16 23.11
N SER C 44 21.39 44.51 23.44
CA SER C 44 21.03 45.65 24.25
C SER C 44 20.10 45.12 25.36
N PRO C 45 20.18 45.67 26.61
CA PRO C 45 19.25 45.21 27.65
C PRO C 45 17.89 45.90 27.64
N VAL C 46 17.75 47.06 26.94
CA VAL C 46 16.50 47.82 26.84
C VAL C 46 16.16 48.28 25.42
N PHE C 47 15.05 47.78 24.87
CA PHE C 47 14.64 48.19 23.53
C PHE C 47 13.27 48.79 23.58
N LYS C 48 13.10 49.94 22.91
CA LYS C 48 11.80 50.57 22.79
C LYS C 48 11.56 50.84 21.33
N ILE C 49 10.48 50.29 20.81
CA ILE C 49 10.10 50.40 19.42
C ILE C 49 8.61 50.70 19.34
N LYS C 50 8.23 51.55 18.37
CA LYS C 50 6.84 51.93 18.13
C LYS C 50 6.15 50.99 17.16
N ALA C 51 4.83 50.87 17.31
CA ALA C 51 3.92 50.09 16.47
C ALA C 51 4.16 50.27 14.94
N ASP C 52 4.33 51.54 14.48
CA ASP C 52 4.55 51.94 13.08
C ASP C 52 5.88 51.43 12.47
N LYS C 53 6.98 51.37 13.26
CA LYS C 53 8.28 50.94 12.76
C LYS C 53 8.49 49.41 12.86
N LEU C 54 7.40 48.68 13.15
CA LEU C 54 7.38 47.22 13.30
C LEU C 54 6.78 46.53 12.08
N TYR C 55 7.34 45.35 11.75
CA TYR C 55 6.96 44.55 10.59
C TYR C 55 6.35 43.17 10.94
N ASP C 56 7.17 42.07 11.16
CA ASP C 56 6.71 40.71 11.51
C ASP C 56 7.02 40.33 12.97
N LEU C 57 6.23 39.38 13.53
CA LEU C 57 6.33 38.87 14.90
C LEU C 57 6.02 37.37 14.98
N LYS C 58 6.68 36.69 15.94
CA LYS C 58 6.54 35.29 16.32
C LYS C 58 6.80 35.24 17.83
N VAL C 59 6.05 34.43 18.59
CA VAL C 59 6.23 34.33 20.05
C VAL C 59 7.14 33.13 20.38
N LEU C 60 8.45 33.36 20.34
CA LEU C 60 9.50 32.36 20.55
C LEU C 60 9.26 31.35 21.72
N LYS C 61 9.27 31.81 22.99
CA LYS C 61 9.10 30.96 24.17
C LYS C 61 8.08 31.58 25.12
N LEU C 62 7.55 30.74 25.99
CA LEU C 62 6.64 31.19 27.03
C LEU C 62 7.47 31.39 28.34
N PRO C 63 6.96 32.08 29.38
CA PRO C 63 7.81 32.28 30.58
C PRO C 63 7.98 31.05 31.48
N PRO C 64 8.92 31.03 32.46
CA PRO C 64 9.05 29.82 33.30
C PRO C 64 8.04 29.71 34.44
#